data_6Z44
#
_entry.id   6Z44
#
_cell.length_a   51.775
_cell.length_b   71.385
_cell.length_c   97.410
_cell.angle_alpha   90.000
_cell.angle_beta   90.000
_cell.angle_gamma   90.000
#
_symmetry.space_group_name_H-M   'P 21 21 21'
#
loop_
_entity.id
_entity.type
_entity.pdbx_description
1 polymer 'cAMP-dependent protein kinase catalytic subunit alpha'
2 non-polymer PHENOL
3 non-polymer 'DIMETHYL SULFOXIDE'
4 non-polymer (4R)-2-METHYLPENTANE-2,4-DIOL
5 water water
#
_entity_poly.entity_id   1
_entity_poly.type   'polypeptide(L)'
_entity_poly.pdbx_seq_one_letter_code
;GHMGNAAAAKKGSEQESVKEFLAKAKEEFLKKWESPSQNTAQLDHFDRIKTLGTGSFGRVMLVKHKETGNHYAMKILDKQ
KVVKLKQIEHTLNEKRILQAVNFPFLVKLEFSFKDNSNLYMVMEYVPGGEMFSHLRRIGRF(SEP)EPHARFYAAQIVLT
FEYLHSLDLIYRDLKPENLLIDQQGYIQVTDFGFAKRVKGRTW(TPO)LCGTPEYLAPEIILSKGYNKAVDWWALGVLIY
EMAAGYPPFFADQPIQIYEKIVSGKVRFPSHFSSDLKDLLRNLLQVDLTKRFGNLKNGVNDIKNHKWFATTDWIAIYQRK
VEAPFIPKFKGPGDTSNFDDYEEEEIRV(SEP)INEKCGKEFTEF
;
_entity_poly.pdbx_strand_id   A
#
loop_
_chem_comp.id
_chem_comp.type
_chem_comp.name
_chem_comp.formula
DMS non-polymer 'DIMETHYL SULFOXIDE' 'C2 H6 O S'
IPH non-polymer PHENOL 'C6 H6 O'
MRD non-polymer (4R)-2-METHYLPENTANE-2,4-DIOL 'C6 H14 O2'
#
# COMPACT_ATOMS: atom_id res chain seq x y z
N GLU A 16 13.81 -23.28 -7.97
CA GLU A 16 12.58 -23.90 -8.45
C GLU A 16 11.49 -23.71 -7.41
N SER A 17 11.92 -23.64 -6.14
CA SER A 17 10.96 -23.43 -5.07
C SER A 17 10.24 -22.11 -5.23
N VAL A 18 10.97 -21.04 -5.57
CA VAL A 18 10.35 -19.73 -5.77
C VAL A 18 9.50 -19.74 -7.02
N LYS A 19 9.98 -20.38 -8.08
CA LYS A 19 9.21 -20.47 -9.32
C LYS A 19 7.89 -21.17 -9.08
N GLU A 20 7.90 -22.31 -8.40
CA GLU A 20 6.66 -23.05 -8.19
C GLU A 20 5.73 -22.29 -7.25
N PHE A 21 6.28 -21.63 -6.25
CA PHE A 21 5.47 -20.80 -5.38
C PHE A 21 4.74 -19.74 -6.18
N LEU A 22 5.46 -19.00 -7.03
CA LEU A 22 4.83 -17.91 -7.77
C LEU A 22 3.87 -18.45 -8.82
N ALA A 23 4.14 -19.63 -9.39
CA ALA A 23 3.19 -20.20 -10.35
C ALA A 23 1.87 -20.51 -9.68
N LYS A 24 1.91 -21.10 -8.49
CA LYS A 24 0.67 -21.36 -7.75
C LYS A 24 0.00 -20.06 -7.35
N ALA A 25 0.78 -19.07 -6.90
CA ALA A 25 0.19 -17.79 -6.54
C ALA A 25 -0.57 -17.19 -7.71
N LYS A 26 0.00 -17.26 -8.91
CA LYS A 26 -0.67 -16.70 -10.08
C LYS A 26 -1.95 -17.48 -10.44
N GLU A 27 -1.89 -18.81 -10.39
CA GLU A 27 -3.06 -19.63 -10.63
C GLU A 27 -4.21 -19.23 -9.71
N GLU A 28 -3.92 -19.10 -8.42
CA GLU A 28 -4.98 -18.80 -7.45
C GLU A 28 -5.51 -17.39 -7.66
N PHE A 29 -4.63 -16.44 -7.96
CA PHE A 29 -5.06 -15.08 -8.24
C PHE A 29 -5.96 -15.05 -9.46
N LEU A 30 -5.55 -15.73 -10.54
CA LEU A 30 -6.32 -15.64 -11.78
C LEU A 30 -7.70 -16.24 -11.64
N LYS A 31 -7.86 -17.31 -10.87
CA LYS A 31 -9.18 -17.89 -10.69
C LYS A 31 -10.14 -16.87 -10.05
N LYS A 32 -9.68 -16.17 -9.01
CA LYS A 32 -10.50 -15.14 -8.38
C LYS A 32 -10.64 -13.90 -9.26
N TRP A 33 -9.59 -13.55 -10.01
CA TRP A 33 -9.63 -12.40 -10.90
C TRP A 33 -10.71 -12.58 -11.96
N GLU A 34 -10.83 -13.79 -12.50
CA GLU A 34 -11.76 -14.06 -13.58
C GLU A 34 -13.19 -14.20 -13.11
N SER A 35 -13.41 -14.54 -11.83
CA SER A 35 -14.75 -14.70 -11.27
C SER A 35 -14.82 -13.97 -9.92
N PRO A 36 -14.89 -12.64 -9.93
CA PRO A 36 -14.79 -11.90 -8.66
C PRO A 36 -16.00 -12.11 -7.76
N SER A 37 -15.75 -12.11 -6.45
CA SER A 37 -16.87 -12.11 -5.52
C SER A 37 -17.55 -10.76 -5.53
N GLN A 38 -18.86 -10.78 -5.28
CA GLN A 38 -19.67 -9.57 -5.24
C GLN A 38 -20.73 -9.71 -4.17
N ASN A 39 -21.07 -8.57 -3.54
CA ASN A 39 -22.29 -8.47 -2.72
C ASN A 39 -22.32 -9.48 -1.58
N THR A 40 -21.27 -9.49 -0.76
CA THR A 40 -21.11 -10.52 0.25
C THR A 40 -21.48 -10.08 1.66
N ALA A 41 -21.96 -8.86 1.84
CA ALA A 41 -22.57 -8.41 3.09
C ALA A 41 -23.48 -7.22 2.78
N GLN A 42 -24.00 -6.57 3.82
CA GLN A 42 -24.76 -5.34 3.64
C GLN A 42 -24.51 -4.44 4.84
N LEU A 43 -24.86 -3.15 4.70
CA LEU A 43 -24.43 -2.16 5.68
C LEU A 43 -25.02 -2.42 7.05
N ASP A 44 -26.31 -2.80 7.13
CA ASP A 44 -26.96 -2.99 8.41
C ASP A 44 -26.54 -4.29 9.11
N HIS A 45 -25.55 -5.01 8.56
CA HIS A 45 -24.88 -6.07 9.30
C HIS A 45 -23.85 -5.54 10.28
N PHE A 46 -23.56 -4.24 10.26
CA PHE A 46 -22.46 -3.66 11.02
C PHE A 46 -22.94 -2.48 11.86
N ASP A 47 -22.28 -2.31 13.00
CA ASP A 47 -22.36 -1.11 13.81
C ASP A 47 -21.18 -0.22 13.47
N ARG A 48 -21.42 1.08 13.40
CA ARG A 48 -20.39 2.08 13.20
C ARG A 48 -19.73 2.42 14.53
N ILE A 49 -18.39 2.40 14.58
CA ILE A 49 -17.65 2.73 15.81
C ILE A 49 -16.96 4.09 15.73
N LYS A 50 -16.13 4.30 14.70
CA LYS A 50 -15.31 5.51 14.66
C LYS A 50 -14.77 5.71 13.25
N THR A 51 -14.58 6.98 12.86
CA THR A 51 -13.88 7.28 11.61
C THR A 51 -12.39 7.18 11.83
N LEU A 52 -11.72 6.36 11.01
CA LEU A 52 -10.28 6.16 11.10
C LEU A 52 -9.49 7.03 10.13
N GLY A 53 -10.11 7.52 9.07
CA GLY A 53 -9.42 8.37 8.11
C GLY A 53 -10.41 8.83 7.05
N THR A 54 -10.02 9.87 6.31
CA THR A 54 -10.93 10.45 5.34
C THR A 54 -10.17 10.97 4.13
N GLY A 55 -10.88 11.04 2.99
CA GLY A 55 -10.34 11.58 1.76
C GLY A 55 -11.36 12.33 0.92
N SER A 56 -11.01 12.69 -0.31
CA SER A 56 -11.90 13.52 -1.11
C SER A 56 -13.11 12.77 -1.65
N PHE A 57 -13.05 11.43 -1.75
CA PHE A 57 -14.21 10.68 -2.21
C PHE A 57 -14.59 9.52 -1.30
N GLY A 58 -13.97 9.38 -0.15
CA GLY A 58 -14.41 8.36 0.78
C GLY A 58 -13.79 8.51 2.15
N ARG A 59 -14.01 7.49 2.97
CA ARG A 59 -13.45 7.45 4.31
C ARG A 59 -13.32 5.99 4.72
N VAL A 60 -12.59 5.76 5.80
CA VAL A 60 -12.46 4.44 6.38
C VAL A 60 -13.00 4.48 7.80
N MET A 61 -13.88 3.53 8.12
N MET A 61 -13.88 3.53 8.15
CA MET A 61 -14.56 3.44 9.39
CA MET A 61 -14.56 3.52 9.44
C MET A 61 -14.14 2.16 10.10
C MET A 61 -14.34 2.18 10.14
N LEU A 62 -14.01 2.25 11.42
CA LEU A 62 -14.04 1.05 12.27
C LEU A 62 -15.48 0.65 12.46
N VAL A 63 -15.78 -0.60 12.16
CA VAL A 63 -17.12 -1.16 12.33
C VAL A 63 -17.02 -2.46 13.10
N LYS A 64 -18.15 -2.89 13.66
CA LYS A 64 -18.24 -4.18 14.34
C LYS A 64 -19.40 -4.97 13.72
N HIS A 65 -19.12 -6.20 13.32
CA HIS A 65 -20.19 -7.06 12.80
C HIS A 65 -21.12 -7.48 13.93
N LYS A 66 -22.41 -7.27 13.73
CA LYS A 66 -23.38 -7.41 14.82
C LYS A 66 -23.62 -8.86 15.24
N GLU A 67 -23.39 -9.83 14.36
CA GLU A 67 -23.61 -11.22 14.70
C GLU A 67 -22.36 -11.90 15.24
N THR A 68 -21.19 -11.61 14.68
CA THR A 68 -19.97 -12.28 15.12
C THR A 68 -19.18 -11.51 16.16
N GLY A 69 -19.40 -10.20 16.25
CA GLY A 69 -18.62 -9.36 17.13
C GLY A 69 -17.25 -8.99 16.60
N ASN A 70 -16.91 -9.38 15.38
CA ASN A 70 -15.60 -9.07 14.83
C ASN A 70 -15.53 -7.62 14.38
N HIS A 71 -14.37 -7.00 14.55
CA HIS A 71 -14.11 -5.67 14.07
C HIS A 71 -13.52 -5.73 12.68
N TYR A 72 -13.82 -4.70 11.88
CA TYR A 72 -13.32 -4.55 10.52
C TYR A 72 -13.11 -3.07 10.24
N ALA A 73 -12.28 -2.80 9.24
CA ALA A 73 -12.12 -1.46 8.68
C ALA A 73 -12.91 -1.40 7.38
N MET A 74 -13.92 -0.53 7.34
CA MET A 74 -14.81 -0.42 6.20
C MET A 74 -14.48 0.84 5.43
N LYS A 75 -14.00 0.67 4.19
CA LYS A 75 -13.74 1.78 3.30
C LYS A 75 -15.02 2.04 2.53
N ILE A 76 -15.48 3.29 2.60
CA ILE A 76 -16.75 3.74 2.00
C ILE A 76 -16.42 4.79 0.95
N LEU A 77 -16.80 4.51 -0.29
CA LEU A 77 -16.56 5.44 -1.39
C LEU A 77 -17.87 5.96 -1.92
N ASP A 78 -17.98 7.28 -2.05
CA ASP A 78 -19.17 7.92 -2.59
C ASP A 78 -19.15 7.83 -4.12
N LYS A 79 -20.12 7.12 -4.70
CA LYS A 79 -20.10 6.87 -6.14
C LYS A 79 -20.07 8.16 -6.93
N GLN A 80 -20.88 9.15 -6.53
CA GLN A 80 -20.92 10.40 -7.30
C GLN A 80 -19.56 11.11 -7.28
N LYS A 81 -18.85 11.06 -6.15
CA LYS A 81 -17.55 11.71 -6.07
C LYS A 81 -16.50 10.95 -6.86
N VAL A 82 -16.61 9.62 -6.90
CA VAL A 82 -15.68 8.80 -7.68
C VAL A 82 -15.78 9.16 -9.14
N VAL A 83 -17.00 9.25 -9.65
CA VAL A 83 -17.23 9.66 -11.03
C VAL A 83 -16.63 11.04 -11.28
N LYS A 84 -16.97 12.01 -10.43
CA LYS A 84 -16.53 13.39 -10.66
C LYS A 84 -15.02 13.51 -10.67
N LEU A 85 -14.34 12.80 -9.77
CA LEU A 85 -12.88 12.81 -9.70
C LEU A 85 -12.26 11.75 -10.60
N LYS A 86 -13.03 11.22 -11.55
CA LYS A 86 -12.53 10.33 -12.61
C LYS A 86 -11.76 9.13 -12.06
N GLN A 87 -12.31 8.54 -11.01
CA GLN A 87 -11.71 7.38 -10.38
C GLN A 87 -12.50 6.08 -10.60
N ILE A 88 -13.38 6.02 -11.61
CA ILE A 88 -14.21 4.82 -11.77
C ILE A 88 -13.35 3.59 -11.95
N GLU A 89 -12.50 3.61 -12.98
CA GLU A 89 -11.68 2.43 -13.27
C GLU A 89 -10.80 2.08 -12.08
N HIS A 90 -10.25 3.09 -11.41
CA HIS A 90 -9.38 2.84 -10.27
C HIS A 90 -10.12 2.15 -9.12
N THR A 91 -11.38 2.56 -8.84
CA THR A 91 -12.12 1.90 -7.77
C THR A 91 -12.48 0.48 -8.15
N LEU A 92 -12.81 0.23 -9.42
CA LEU A 92 -13.05 -1.13 -9.86
C LEU A 92 -11.79 -1.98 -9.79
N ASN A 93 -10.63 -1.41 -10.18
CA ASN A 93 -9.35 -2.08 -10.02
C ASN A 93 -9.14 -2.48 -8.57
N GLU A 94 -9.34 -1.53 -7.65
CA GLU A 94 -9.03 -1.76 -6.24
C GLU A 94 -9.77 -2.97 -5.71
N LYS A 95 -11.08 -3.00 -5.93
CA LYS A 95 -11.86 -4.11 -5.39
C LYS A 95 -11.57 -5.43 -6.10
N ARG A 96 -11.43 -5.39 -7.43
CA ARG A 96 -11.18 -6.64 -8.15
C ARG A 96 -9.83 -7.25 -7.76
N ILE A 97 -8.82 -6.40 -7.58
CA ILE A 97 -7.51 -6.90 -7.16
C ILE A 97 -7.57 -7.40 -5.73
N LEU A 98 -8.15 -6.61 -4.81
CA LEU A 98 -8.11 -7.00 -3.41
C LEU A 98 -8.84 -8.31 -3.16
N GLN A 99 -9.95 -8.55 -3.85
CA GLN A 99 -10.66 -9.80 -3.64
C GLN A 99 -9.91 -10.99 -4.22
N ALA A 100 -8.88 -10.77 -5.04
CA ALA A 100 -8.17 -11.87 -5.68
C ALA A 100 -6.78 -12.17 -5.11
N VAL A 101 -6.19 -11.26 -4.34
CA VAL A 101 -4.83 -11.46 -3.85
C VAL A 101 -4.82 -12.17 -2.50
N ASN A 102 -3.65 -12.70 -2.15
CA ASN A 102 -3.46 -13.45 -0.90
C ASN A 102 -1.97 -13.47 -0.62
N PHE A 103 -1.51 -12.71 0.36
CA PHE A 103 -0.09 -12.66 0.69
C PHE A 103 0.04 -12.20 2.14
N PRO A 104 1.09 -12.63 2.86
CA PRO A 104 1.11 -12.35 4.31
C PRO A 104 1.13 -10.88 4.66
N PHE A 105 1.59 -10.02 3.76
CA PHE A 105 1.75 -8.59 4.04
C PHE A 105 0.75 -7.73 3.29
N LEU A 106 -0.37 -8.32 2.85
CA LEU A 106 -1.46 -7.59 2.23
C LEU A 106 -2.69 -7.70 3.11
N VAL A 107 -3.32 -6.57 3.40
CA VAL A 107 -4.55 -6.57 4.18
C VAL A 107 -5.61 -7.39 3.44
N LYS A 108 -6.35 -8.19 4.20
CA LYS A 108 -7.37 -9.07 3.65
C LYS A 108 -8.70 -8.34 3.49
N LEU A 109 -9.28 -8.45 2.31
CA LEU A 109 -10.66 -8.02 2.05
C LEU A 109 -11.60 -9.13 2.48
N GLU A 110 -12.51 -8.83 3.40
CA GLU A 110 -13.43 -9.82 3.94
C GLU A 110 -14.81 -9.78 3.29
N PHE A 111 -15.33 -8.59 2.98
CA PHE A 111 -16.62 -8.45 2.32
C PHE A 111 -16.56 -7.26 1.37
N SER A 112 -17.44 -7.25 0.38
CA SER A 112 -17.68 -6.03 -0.39
C SER A 112 -19.15 -5.99 -0.79
N PHE A 113 -19.65 -4.79 -1.03
CA PHE A 113 -21.02 -4.58 -1.47
C PHE A 113 -21.17 -3.13 -1.88
N LYS A 114 -22.33 -2.80 -2.45
CA LYS A 114 -22.65 -1.44 -2.83
C LYS A 114 -24.12 -1.20 -2.52
N ASP A 115 -24.50 0.07 -2.46
CA ASP A 115 -25.90 0.45 -2.31
C ASP A 115 -26.17 1.62 -3.24
N ASN A 116 -27.30 2.31 -3.02
CA ASN A 116 -27.68 3.38 -3.94
C ASN A 116 -26.61 4.45 -4.04
N SER A 117 -25.87 4.71 -2.96
CA SER A 117 -24.93 5.83 -2.93
C SER A 117 -23.47 5.45 -2.94
N ASN A 118 -23.08 4.35 -2.30
CA ASN A 118 -21.69 4.10 -1.95
C ASN A 118 -21.23 2.72 -2.39
N LEU A 119 -19.90 2.60 -2.47
CA LEU A 119 -19.20 1.33 -2.57
C LEU A 119 -18.56 1.05 -1.23
N TYR A 120 -18.52 -0.23 -0.84
CA TYR A 120 -17.99 -0.63 0.45
C TYR A 120 -17.00 -1.77 0.29
N MET A 121 -15.83 -1.61 0.92
CA MET A 121 -14.83 -2.67 1.02
C MET A 121 -14.54 -2.86 2.51
N VAL A 122 -14.85 -4.06 3.02
CA VAL A 122 -14.72 -4.36 4.44
C VAL A 122 -13.48 -5.22 4.60
N MET A 123 -12.46 -4.66 5.25
N MET A 123 -12.47 -4.67 5.27
CA MET A 123 -11.14 -5.27 5.39
CA MET A 123 -11.15 -5.27 5.40
C MET A 123 -10.86 -5.63 6.84
C MET A 123 -10.91 -5.69 6.84
N GLU A 124 -9.90 -6.51 7.04
CA GLU A 124 -9.40 -6.76 8.38
C GLU A 124 -8.98 -5.43 9.00
N TYR A 125 -9.26 -5.28 10.30
CA TYR A 125 -8.85 -4.10 11.06
C TYR A 125 -7.51 -4.39 11.71
N VAL A 126 -6.53 -3.52 11.46
CA VAL A 126 -5.17 -3.66 11.97
C VAL A 126 -4.99 -2.55 13.02
N PRO A 127 -5.07 -2.86 14.33
CA PRO A 127 -5.15 -1.78 15.33
C PRO A 127 -3.86 -1.04 15.58
N GLY A 128 -2.74 -1.50 15.05
CA GLY A 128 -1.48 -0.85 15.37
C GLY A 128 -1.26 0.48 14.67
N GLY A 129 -2.07 0.81 13.68
CA GLY A 129 -1.95 2.08 13.00
C GLY A 129 -0.94 2.08 11.88
N GLU A 130 -0.80 3.26 11.28
CA GLU A 130 0.04 3.50 10.12
C GLU A 130 1.50 3.60 10.52
N MET A 131 2.37 3.06 9.65
N MET A 131 2.37 3.07 9.66
CA MET A 131 3.80 3.24 9.85
CA MET A 131 3.80 3.23 9.90
C MET A 131 4.13 4.72 9.98
C MET A 131 4.20 4.71 9.91
N PHE A 132 3.45 5.56 9.20
CA PHE A 132 3.70 7.00 9.22
C PHE A 132 3.70 7.56 10.64
N SER A 133 2.67 7.21 11.43
N SER A 133 2.70 7.19 11.45
CA SER A 133 2.58 7.69 12.80
CA SER A 133 2.63 7.76 12.79
C SER A 133 3.79 7.26 13.61
C SER A 133 3.76 7.25 13.68
N HIS A 134 4.14 5.98 13.54
CA HIS A 134 5.26 5.46 14.33
C HIS A 134 6.58 6.09 13.90
N LEU A 135 6.77 6.27 12.60
CA LEU A 135 7.99 6.90 12.10
C LEU A 135 8.10 8.33 12.62
N ARG A 136 7.00 9.08 12.57
CA ARG A 136 7.06 10.47 13.01
C ARG A 136 7.21 10.57 14.52
N ARG A 137 6.64 9.62 15.27
N ARG A 137 6.70 9.58 15.27
CA ARG A 137 6.84 9.60 16.72
CA ARG A 137 6.81 9.59 16.73
C ARG A 137 8.32 9.44 17.05
C ARG A 137 8.23 9.26 17.20
N ILE A 138 8.95 8.40 16.48
CA ILE A 138 10.30 8.04 16.88
C ILE A 138 11.36 8.88 16.17
N GLY A 139 11.02 9.47 15.03
CA GLY A 139 11.96 10.31 14.31
C GLY A 139 12.49 9.61 13.08
N ARG A 140 13.29 8.55 13.30
N ARG A 140 13.29 8.56 13.30
CA ARG A 140 13.75 7.72 12.20
CA ARG A 140 13.72 7.71 12.21
C ARG A 140 14.00 6.32 12.72
C ARG A 140 13.86 6.30 12.74
N PHE A 141 13.86 5.33 11.83
CA PHE A 141 14.13 3.95 12.17
C PHE A 141 15.61 3.65 11.97
N SEP A 142 16.17 2.81 12.82
CA SEP A 142 17.52 2.29 12.60
CB SEP A 142 17.92 1.41 13.78
OG SEP A 142 17.20 0.19 13.75
C SEP A 142 17.56 1.49 11.31
O SEP A 142 16.51 1.08 10.80
P SEP A 142 17.26 -0.75 15.07
O1P SEP A 142 16.68 0.15 16.26
O2P SEP A 142 18.76 -1.11 15.38
O3P SEP A 142 16.36 -2.04 14.79
H SEP A 142 15.79 2.51 13.54
HA SEP A 142 18.16 3.03 12.54
HB2 SEP A 142 17.74 1.88 14.61
HB3 SEP A 142 18.88 1.22 13.73
N GLU A 143 18.73 1.26 10.74
CA GLU A 143 18.79 0.47 9.51
C GLU A 143 18.20 -0.94 9.66
N PRO A 144 18.48 -1.65 10.78
CA PRO A 144 17.84 -2.97 10.92
C PRO A 144 16.33 -2.91 10.91
N HIS A 145 15.77 -1.89 11.55
CA HIS A 145 14.33 -1.70 11.62
C HIS A 145 13.75 -1.37 10.24
N ALA A 146 14.37 -0.41 9.54
CA ALA A 146 13.94 -0.10 8.19
C ALA A 146 14.07 -1.31 7.28
N ARG A 147 15.14 -2.10 7.45
CA ARG A 147 15.38 -3.28 6.61
C ARG A 147 14.33 -4.36 6.83
N PHE A 148 13.90 -4.55 8.08
CA PHE A 148 12.82 -5.49 8.37
C PHE A 148 11.55 -5.14 7.58
N TYR A 149 11.15 -3.86 7.58
CA TYR A 149 9.99 -3.45 6.80
C TYR A 149 10.26 -3.52 5.29
N ALA A 150 11.45 -3.07 4.86
CA ALA A 150 11.77 -3.07 3.45
C ALA A 150 11.70 -4.48 2.87
N ALA A 151 12.20 -5.47 3.63
CA ALA A 151 12.17 -6.85 3.14
C ALA A 151 10.75 -7.31 2.85
N GLN A 152 9.81 -6.93 3.72
CA GLN A 152 8.41 -7.29 3.48
C GLN A 152 7.87 -6.65 2.22
N ILE A 153 8.24 -5.38 1.96
CA ILE A 153 7.82 -4.74 0.72
C ILE A 153 8.44 -5.40 -0.49
N VAL A 154 9.73 -5.78 -0.40
CA VAL A 154 10.37 -6.46 -1.52
C VAL A 154 9.62 -7.74 -1.88
N LEU A 155 9.31 -8.56 -0.87
CA LEU A 155 8.58 -9.80 -1.14
C LEU A 155 7.18 -9.51 -1.66
N THR A 156 6.51 -8.49 -1.11
CA THR A 156 5.17 -8.17 -1.56
C THR A 156 5.16 -7.72 -3.03
N PHE A 157 6.15 -6.92 -3.43
CA PHE A 157 6.25 -6.49 -4.82
C PHE A 157 6.66 -7.66 -5.72
N GLU A 158 7.52 -8.55 -5.24
CA GLU A 158 7.81 -9.76 -6.02
C GLU A 158 6.52 -10.51 -6.33
N TYR A 159 5.68 -10.69 -5.31
CA TYR A 159 4.37 -11.32 -5.47
C TYR A 159 3.49 -10.54 -6.45
N LEU A 160 3.28 -9.24 -6.19
CA LEU A 160 2.34 -8.46 -7.01
C LEU A 160 2.81 -8.40 -8.45
N HIS A 161 4.10 -8.10 -8.66
CA HIS A 161 4.60 -7.97 -10.02
C HIS A 161 4.50 -9.27 -10.80
N SER A 162 4.64 -10.41 -10.12
N SER A 162 4.66 -10.41 -10.12
CA SER A 162 4.50 -11.69 -10.82
CA SER A 162 4.50 -11.69 -10.79
C SER A 162 3.08 -11.94 -11.30
C SER A 162 3.10 -11.86 -11.36
N LEU A 163 2.10 -11.28 -10.69
CA LEU A 163 0.71 -11.32 -11.11
C LEU A 163 0.37 -10.25 -12.14
N ASP A 164 1.37 -9.53 -12.63
CA ASP A 164 1.19 -8.41 -13.55
C ASP A 164 0.50 -7.22 -12.90
N LEU A 165 0.65 -7.07 -11.59
CA LEU A 165 0.07 -5.96 -10.85
C LEU A 165 1.12 -4.92 -10.54
N ILE A 166 0.78 -3.65 -10.67
CA ILE A 166 1.61 -2.54 -10.21
C ILE A 166 0.84 -1.90 -9.05
N TYR A 167 1.55 -1.55 -7.98
CA TYR A 167 0.88 -1.06 -6.79
C TYR A 167 0.63 0.45 -6.82
N ARG A 168 1.66 1.25 -7.09
CA ARG A 168 1.55 2.67 -7.43
C ARG A 168 1.15 3.59 -6.28
N ASP A 169 1.17 3.14 -5.04
CA ASP A 169 0.92 4.09 -3.96
C ASP A 169 1.74 3.77 -2.72
N LEU A 170 2.98 3.33 -2.88
CA LEU A 170 3.80 3.04 -1.71
C LEU A 170 4.15 4.33 -0.98
N LYS A 171 3.88 4.35 0.32
CA LYS A 171 4.21 5.45 1.22
C LYS A 171 3.86 5.00 2.62
N PRO A 172 4.44 5.64 3.66
CA PRO A 172 4.23 5.13 5.02
C PRO A 172 2.78 5.09 5.49
N GLU A 173 1.93 6.00 5.01
CA GLU A 173 0.54 6.00 5.46
C GLU A 173 -0.23 4.77 5.01
N ASN A 174 0.25 4.07 3.98
CA ASN A 174 -0.45 2.91 3.45
C ASN A 174 0.07 1.60 4.03
N LEU A 175 0.97 1.64 4.99
CA LEU A 175 1.56 0.44 5.57
C LEU A 175 1.14 0.38 7.02
N LEU A 176 0.25 -0.54 7.36
CA LEU A 176 -0.22 -0.69 8.73
C LEU A 176 0.70 -1.66 9.46
N ILE A 177 0.83 -1.47 10.78
CA ILE A 177 1.67 -2.31 11.62
C ILE A 177 0.76 -3.19 12.45
N ASP A 178 0.91 -4.51 12.30
CA ASP A 178 -0.04 -5.44 12.90
C ASP A 178 0.39 -5.88 14.30
N GLN A 179 -0.38 -6.79 14.87
CA GLN A 179 -0.18 -7.19 16.26
C GLN A 179 1.13 -7.92 16.48
N GLN A 180 1.77 -8.40 15.42
CA GLN A 180 3.08 -9.02 15.52
C GLN A 180 4.19 -8.07 15.10
N GLY A 181 3.85 -6.82 14.77
CA GLY A 181 4.82 -5.83 14.32
C GLY A 181 5.19 -5.94 12.86
N TYR A 182 4.47 -6.73 12.08
CA TYR A 182 4.68 -6.85 10.65
C TYR A 182 3.79 -5.89 9.87
N ILE A 183 4.15 -5.68 8.61
CA ILE A 183 3.43 -4.76 7.73
C ILE A 183 2.22 -5.43 7.10
N GLN A 184 1.14 -4.66 6.96
N GLN A 184 1.14 -4.67 7.00
CA GLN A 184 0.03 -5.04 6.09
CA GLN A 184 -0.01 -4.96 6.15
C GLN A 184 -0.28 -3.84 5.19
C GLN A 184 -0.17 -3.78 5.20
N VAL A 185 -0.04 -4.02 3.90
CA VAL A 185 -0.26 -2.98 2.91
C VAL A 185 -1.75 -2.82 2.69
N THR A 186 -2.20 -1.58 2.72
CA THR A 186 -3.58 -1.26 2.42
C THR A 186 -3.61 -0.17 1.36
N ASP A 187 -4.79 0.06 0.86
CA ASP A 187 -5.11 1.08 -0.12
C ASP A 187 -4.57 0.67 -1.49
N PHE A 188 -5.41 -0.05 -2.20
CA PHE A 188 -5.13 -0.48 -3.55
C PHE A 188 -5.81 0.42 -4.58
N GLY A 189 -6.11 1.68 -4.18
CA GLY A 189 -6.83 2.59 -5.05
C GLY A 189 -6.15 2.90 -6.37
N PHE A 190 -4.81 2.82 -6.41
CA PHE A 190 -4.07 3.02 -7.65
C PHE A 190 -3.49 1.73 -8.23
N ALA A 191 -3.74 0.58 -7.62
CA ALA A 191 -3.17 -0.65 -8.13
C ALA A 191 -3.87 -1.06 -9.42
N LYS A 192 -3.11 -1.68 -10.32
CA LYS A 192 -3.66 -2.01 -11.63
C LYS A 192 -2.98 -3.26 -12.19
N ARG A 193 -3.75 -4.07 -12.91
CA ARG A 193 -3.19 -5.17 -13.67
C ARG A 193 -2.77 -4.65 -15.03
N VAL A 194 -1.48 -4.80 -15.34
CA VAL A 194 -0.80 -4.15 -16.45
C VAL A 194 0.12 -5.17 -17.09
N LYS A 195 -0.06 -5.44 -18.36
CA LYS A 195 0.94 -6.15 -19.15
C LYS A 195 1.60 -5.12 -20.05
N GLY A 196 2.87 -4.91 -19.84
CA GLY A 196 3.60 -3.88 -20.55
C GLY A 196 3.58 -2.57 -19.78
N ARG A 197 3.02 -1.55 -20.39
CA ARG A 197 3.10 -0.19 -19.88
C ARG A 197 1.72 0.31 -19.49
N THR A 198 1.70 1.35 -18.68
CA THR A 198 0.48 2.07 -18.34
C THR A 198 0.83 3.55 -18.27
N TRP A 199 -0.18 4.41 -18.26
CA TRP A 199 0.04 5.84 -18.49
C TRP A 199 -0.58 6.81 -17.48
N TPO A 200 -1.41 6.36 -16.54
CA TPO A 200 -2.14 7.30 -15.71
CB TPO A 200 -3.24 6.60 -14.92
CG2 TPO A 200 -4.15 7.63 -14.26
OG1 TPO A 200 -4.05 5.85 -15.81
P TPO A 200 -3.99 4.27 -15.55
O1P TPO A 200 -4.77 3.59 -16.75
O2P TPO A 200 -4.58 3.97 -14.23
O3P TPO A 200 -2.47 3.82 -15.63
C TPO A 200 -1.24 8.07 -14.76
O TPO A 200 -0.39 7.48 -14.09
H TPO A 200 -1.55 5.52 -16.38
HA TPO A 200 -2.56 7.96 -16.32
HB TPO A 200 -2.77 5.95 -14.18
HG21 TPO A 200 -5.07 7.15 -13.92
HG22 TPO A 200 -4.41 8.41 -14.98
HG23 TPO A 200 -3.64 8.08 -13.41
N LEU A 201 -1.44 9.37 -14.68
CA LEU A 201 -0.79 10.18 -13.64
C LEU A 201 -1.50 9.94 -12.30
N CYS A 202 -0.82 9.25 -11.40
CA CYS A 202 -1.37 8.97 -10.09
C CYS A 202 -0.22 8.59 -9.18
N GLY A 203 -0.51 8.62 -7.89
CA GLY A 203 0.46 8.44 -6.85
C GLY A 203 0.45 9.63 -5.91
N THR A 204 1.51 9.74 -5.14
CA THR A 204 1.74 10.83 -4.21
C THR A 204 3.03 11.54 -4.61
N PRO A 205 3.04 12.89 -4.66
CA PRO A 205 4.18 13.59 -5.30
C PRO A 205 5.57 13.17 -4.88
N GLU A 206 5.81 13.05 -3.57
CA GLU A 206 7.14 12.74 -3.08
C GLU A 206 7.62 11.37 -3.52
N TYR A 207 6.70 10.50 -3.93
N TYR A 207 6.71 10.49 -3.94
CA TYR A 207 7.02 9.11 -4.24
CA TYR A 207 7.03 9.10 -4.25
C TYR A 207 7.01 8.81 -5.74
C TYR A 207 6.98 8.80 -5.74
N LEU A 208 6.69 9.79 -6.59
CA LEU A 208 6.57 9.54 -8.02
C LEU A 208 7.93 9.34 -8.69
N ALA A 209 8.02 8.32 -9.52
CA ALA A 209 9.19 8.11 -10.34
C ALA A 209 9.28 9.16 -11.45
N PRO A 210 10.50 9.43 -11.94
CA PRO A 210 10.62 10.43 -13.01
C PRO A 210 9.75 10.14 -14.22
N GLU A 211 9.59 8.88 -14.60
CA GLU A 211 8.86 8.59 -15.82
C GLU A 211 7.35 8.86 -15.67
N ILE A 212 6.82 8.83 -14.44
CA ILE A 212 5.45 9.27 -14.22
C ILE A 212 5.34 10.77 -14.42
N ILE A 213 6.26 11.52 -13.79
CA ILE A 213 6.27 12.98 -13.89
C ILE A 213 6.36 13.42 -15.34
N LEU A 214 7.16 12.73 -16.14
CA LEU A 214 7.40 13.10 -17.53
C LEU A 214 6.36 12.50 -18.49
N SER A 215 5.30 11.86 -17.97
CA SER A 215 4.16 11.47 -18.80
C SER A 215 4.51 10.37 -19.80
N LYS A 216 5.39 9.48 -19.40
CA LYS A 216 5.79 8.36 -20.23
C LYS A 216 4.88 7.16 -19.97
N GLY A 217 4.96 6.18 -20.86
CA GLY A 217 4.42 4.86 -20.57
C GLY A 217 5.36 4.15 -19.62
N TYR A 218 4.88 3.76 -18.46
CA TYR A 218 5.74 3.25 -17.41
C TYR A 218 5.29 1.87 -16.95
N ASN A 219 6.12 1.23 -16.15
CA ASN A 219 5.90 -0.18 -15.77
C ASN A 219 6.19 -0.33 -14.28
N LYS A 220 6.38 -1.59 -13.84
CA LYS A 220 6.59 -1.90 -12.45
C LYS A 220 7.83 -1.22 -11.87
N ALA A 221 8.75 -0.74 -12.71
CA ALA A 221 9.91 -0.04 -12.18
C ALA A 221 9.52 1.13 -11.29
N VAL A 222 8.32 1.70 -11.47
CA VAL A 222 7.93 2.82 -10.61
C VAL A 222 7.75 2.37 -9.16
N ASP A 223 7.35 1.11 -8.93
CA ASP A 223 7.24 0.61 -7.57
C ASP A 223 8.62 0.49 -6.92
N TRP A 224 9.63 0.08 -7.69
CA TRP A 224 10.98 -0.05 -7.12
C TRP A 224 11.57 1.32 -6.82
N TRP A 225 11.32 2.31 -7.67
CA TRP A 225 11.67 3.70 -7.33
C TRP A 225 11.04 4.10 -6.00
N ALA A 226 9.74 3.85 -5.86
CA ALA A 226 9.04 4.24 -4.63
C ALA A 226 9.62 3.51 -3.42
N LEU A 227 10.09 2.27 -3.60
CA LEU A 227 10.74 1.59 -2.48
C LEU A 227 12.00 2.33 -2.05
N GLY A 228 12.77 2.84 -3.01
CA GLY A 228 13.92 3.67 -2.66
C GLY A 228 13.53 4.89 -1.86
N VAL A 229 12.45 5.56 -2.24
CA VAL A 229 11.97 6.69 -1.48
C VAL A 229 11.58 6.27 -0.06
N LEU A 230 10.83 5.16 0.06
CA LEU A 230 10.39 4.69 1.36
C LEU A 230 11.56 4.33 2.26
N ILE A 231 12.53 3.58 1.72
CA ILE A 231 13.68 3.21 2.54
C ILE A 231 14.43 4.45 3.01
N TYR A 232 14.65 5.39 2.10
CA TYR A 232 15.29 6.66 2.50
C TYR A 232 14.50 7.33 3.62
N GLU A 233 13.18 7.46 3.45
CA GLU A 233 12.35 8.13 4.45
C GLU A 233 12.39 7.39 5.79
N MET A 234 12.32 6.06 5.77
CA MET A 234 12.37 5.32 7.02
C MET A 234 13.68 5.54 7.76
N ALA A 235 14.80 5.57 7.02
CA ALA A 235 16.10 5.65 7.66
C ALA A 235 16.53 7.08 7.98
N ALA A 236 16.02 8.08 7.27
CA ALA A 236 16.34 9.50 7.52
C ALA A 236 15.32 10.20 8.40
N GLY A 237 14.06 9.82 8.28
CA GLY A 237 12.95 10.49 8.92
C GLY A 237 12.21 11.45 8.02
N TYR A 238 12.70 11.65 6.80
CA TYR A 238 12.09 12.55 5.82
C TYR A 238 12.41 11.99 4.45
N PRO A 239 11.58 12.26 3.44
CA PRO A 239 11.83 11.71 2.11
C PRO A 239 12.92 12.47 1.40
N PRO A 240 13.50 11.88 0.33
CA PRO A 240 14.66 12.50 -0.32
C PRO A 240 14.34 13.75 -1.12
N PHE A 241 13.13 13.85 -1.66
CA PHE A 241 12.73 14.97 -2.51
C PHE A 241 11.53 15.63 -1.84
N PHE A 242 11.70 16.87 -1.38
CA PHE A 242 10.69 17.55 -0.60
C PHE A 242 10.71 19.03 -0.96
N ALA A 243 9.53 19.66 -0.93
CA ALA A 243 9.41 21.08 -1.20
C ALA A 243 7.98 21.50 -0.94
N ASP A 244 7.77 22.82 -0.95
N ASP A 244 7.76 22.82 -0.94
CA ASP A 244 6.45 23.38 -0.64
CA ASP A 244 6.41 23.30 -0.63
C ASP A 244 5.47 23.09 -1.76
C ASP A 244 5.43 23.12 -1.78
N GLN A 245 5.90 23.21 -3.02
CA GLN A 245 5.03 23.00 -4.18
C GLN A 245 5.38 21.70 -4.88
N PRO A 246 4.40 20.95 -5.38
CA PRO A 246 4.72 19.74 -6.14
C PRO A 246 5.70 19.97 -7.28
N ILE A 247 5.58 21.09 -8.01
CA ILE A 247 6.48 21.32 -9.13
C ILE A 247 7.93 21.33 -8.67
N GLN A 248 8.18 21.90 -7.50
CA GLN A 248 9.54 21.93 -6.96
C GLN A 248 10.01 20.53 -6.59
N ILE A 249 9.12 19.69 -6.04
CA ILE A 249 9.46 18.29 -5.79
C ILE A 249 9.84 17.61 -7.10
N TYR A 250 9.05 17.83 -8.13
CA TYR A 250 9.27 17.13 -9.40
C TYR A 250 10.60 17.52 -10.03
N GLU A 251 10.98 18.80 -9.92
CA GLU A 251 12.29 19.20 -10.43
C GLU A 251 13.40 18.42 -9.74
N LYS A 252 13.29 18.23 -8.43
CA LYS A 252 14.32 17.48 -7.71
C LYS A 252 14.33 16.02 -8.14
N ILE A 253 13.14 15.42 -8.29
CA ILE A 253 13.06 14.01 -8.67
C ILE A 253 13.75 13.77 -10.01
N VAL A 254 13.47 14.61 -11.01
CA VAL A 254 14.01 14.36 -12.34
C VAL A 254 15.49 14.72 -12.47
N SER A 255 16.06 15.41 -11.48
CA SER A 255 17.42 15.97 -11.60
C SER A 255 18.51 14.90 -11.61
N GLY A 256 18.27 13.75 -11.01
CA GLY A 256 19.30 12.74 -10.92
C GLY A 256 20.26 12.96 -9.77
N LYS A 257 19.91 13.85 -8.85
CA LYS A 257 20.71 14.15 -7.67
C LYS A 257 19.94 13.82 -6.40
N VAL A 258 20.61 13.20 -5.45
CA VAL A 258 20.06 12.95 -4.12
C VAL A 258 21.19 13.07 -3.12
N ARG A 259 20.90 13.63 -1.95
CA ARG A 259 21.88 13.77 -0.89
C ARG A 259 21.50 12.84 0.25
N PHE A 260 22.49 12.17 0.81
CA PHE A 260 22.26 11.22 1.87
C PHE A 260 22.79 11.74 3.20
N PRO A 261 22.07 11.51 4.31
CA PRO A 261 22.64 11.83 5.62
C PRO A 261 23.93 11.06 5.87
N SER A 262 24.82 11.69 6.62
CA SER A 262 26.11 11.05 6.91
C SER A 262 25.95 9.77 7.70
N HIS A 263 24.87 9.62 8.47
CA HIS A 263 24.70 8.41 9.26
C HIS A 263 24.31 7.19 8.43
N PHE A 264 23.88 7.37 7.18
CA PHE A 264 23.58 6.23 6.33
C PHE A 264 24.85 5.40 6.11
N SER A 265 24.68 4.08 6.18
CA SER A 265 25.78 3.18 5.85
C SER A 265 26.10 3.28 4.35
N SER A 266 27.33 2.91 4.01
CA SER A 266 27.70 2.85 2.60
C SER A 266 26.82 1.89 1.82
N ASP A 267 26.49 0.74 2.42
CA ASP A 267 25.61 -0.21 1.75
C ASP A 267 24.23 0.39 1.47
N LEU A 268 23.70 1.14 2.42
CA LEU A 268 22.39 1.77 2.21
C LEU A 268 22.46 2.78 1.08
N LYS A 269 23.49 3.64 1.09
CA LYS A 269 23.63 4.61 0.01
C LYS A 269 23.71 3.92 -1.35
N ASP A 270 24.48 2.84 -1.44
CA ASP A 270 24.61 2.15 -2.72
C ASP A 270 23.27 1.57 -3.19
N LEU A 271 22.55 0.90 -2.30
CA LEU A 271 21.24 0.38 -2.70
C LEU A 271 20.32 1.51 -3.17
N LEU A 272 20.29 2.62 -2.43
CA LEU A 272 19.41 3.72 -2.77
C LEU A 272 19.79 4.37 -4.10
N ARG A 273 21.08 4.45 -4.43
CA ARG A 273 21.43 5.01 -5.73
C ARG A 273 20.89 4.14 -6.87
N ASN A 274 20.81 2.84 -6.63
CA ASN A 274 20.31 1.91 -7.64
C ASN A 274 18.79 1.81 -7.70
N LEU A 275 18.08 2.09 -6.59
CA LEU A 275 16.62 2.18 -6.64
C LEU A 275 16.17 3.55 -7.13
N LEU A 276 16.83 4.62 -6.68
CA LEU A 276 16.54 6.00 -7.08
C LEU A 276 17.32 6.36 -8.33
N GLN A 277 17.36 5.42 -9.27
CA GLN A 277 18.02 5.59 -10.55
C GLN A 277 17.01 6.21 -11.52
N VAL A 278 17.32 7.41 -12.01
CA VAL A 278 16.36 8.13 -12.85
C VAL A 278 16.13 7.42 -14.17
N ASP A 279 17.12 6.69 -14.68
CA ASP A 279 16.98 5.94 -15.92
C ASP A 279 16.34 4.59 -15.59
N LEU A 280 15.06 4.42 -15.95
CA LEU A 280 14.34 3.22 -15.55
C LEU A 280 14.98 1.96 -16.09
N THR A 281 15.74 2.06 -17.20
CA THR A 281 16.35 0.87 -17.79
C THR A 281 17.57 0.41 -17.01
N LYS A 282 18.01 1.20 -16.03
CA LYS A 282 19.15 0.88 -15.17
C LYS A 282 18.77 0.70 -13.72
N ARG A 283 17.48 0.73 -13.41
CA ARG A 283 17.01 0.74 -12.03
C ARG A 283 16.89 -0.68 -11.48
N PHE A 284 17.41 -0.89 -10.27
CA PHE A 284 17.24 -2.18 -9.61
C PHE A 284 15.77 -2.54 -9.50
N GLY A 285 15.48 -3.82 -9.73
CA GLY A 285 14.15 -4.33 -9.87
C GLY A 285 13.65 -4.39 -11.29
N ASN A 286 14.31 -3.70 -12.22
CA ASN A 286 13.90 -3.64 -13.61
C ASN A 286 14.99 -4.12 -14.56
N LEU A 287 16.00 -4.81 -14.04
CA LEU A 287 17.07 -5.37 -14.85
C LEU A 287 16.80 -6.85 -15.12
N LYS A 288 17.69 -7.46 -15.89
CA LYS A 288 17.50 -8.87 -16.27
C LYS A 288 17.32 -9.77 -15.05
N ASN A 289 18.00 -9.47 -13.94
CA ASN A 289 17.87 -10.31 -12.76
C ASN A 289 16.72 -9.90 -11.86
N GLY A 290 15.92 -8.92 -12.27
CA GLY A 290 14.72 -8.59 -11.55
C GLY A 290 14.96 -8.35 -10.06
N VAL A 291 14.10 -8.94 -9.23
CA VAL A 291 14.14 -8.65 -7.80
C VAL A 291 15.41 -9.15 -7.15
N ASN A 292 16.10 -10.11 -7.78
CA ASN A 292 17.26 -10.68 -7.12
C ASN A 292 18.41 -9.70 -7.01
N ASP A 293 18.48 -8.67 -7.85
CA ASP A 293 19.50 -7.65 -7.65
C ASP A 293 19.28 -6.92 -6.33
N ILE A 294 18.02 -6.79 -5.91
CA ILE A 294 17.71 -6.21 -4.60
C ILE A 294 17.97 -7.21 -3.49
N LYS A 295 17.42 -8.43 -3.61
CA LYS A 295 17.52 -9.38 -2.52
C LYS A 295 18.97 -9.76 -2.23
N ASN A 296 19.85 -9.74 -3.24
CA ASN A 296 21.25 -10.10 -3.09
C ASN A 296 22.15 -8.92 -2.76
N HIS A 297 21.59 -7.72 -2.64
CA HIS A 297 22.42 -6.58 -2.34
C HIS A 297 22.98 -6.70 -0.92
N LYS A 298 24.19 -6.17 -0.72
CA LYS A 298 24.83 -6.27 0.60
C LYS A 298 23.97 -5.67 1.72
N TRP A 299 23.14 -4.66 1.43
CA TRP A 299 22.34 -4.09 2.53
C TRP A 299 21.38 -5.13 3.10
N PHE A 300 20.96 -6.10 2.31
CA PHE A 300 20.08 -7.17 2.75
C PHE A 300 20.83 -8.44 3.15
N ALA A 301 22.15 -8.38 3.36
CA ALA A 301 22.89 -9.62 3.63
C ALA A 301 22.40 -10.35 4.87
N THR A 302 21.93 -9.62 5.89
CA THR A 302 21.45 -10.24 7.13
C THR A 302 20.01 -10.72 7.04
N THR A 303 19.32 -10.50 5.91
CA THR A 303 17.91 -10.83 5.82
C THR A 303 17.71 -12.29 5.44
N ASP A 304 16.93 -13.00 6.26
CA ASP A 304 16.49 -14.36 5.97
C ASP A 304 15.12 -14.24 5.32
N TRP A 305 15.11 -14.29 3.99
CA TRP A 305 13.89 -14.00 3.23
C TRP A 305 12.78 -14.96 3.56
N ILE A 306 13.10 -16.24 3.74
CA ILE A 306 12.07 -17.22 4.08
C ILE A 306 11.52 -16.97 5.47
N ALA A 307 12.39 -16.67 6.44
CA ALA A 307 11.93 -16.41 7.79
C ALA A 307 11.01 -15.19 7.82
N ILE A 308 11.31 -14.16 7.03
CA ILE A 308 10.43 -12.99 6.96
C ILE A 308 9.07 -13.40 6.41
N TYR A 309 9.07 -14.12 5.29
CA TYR A 309 7.82 -14.58 4.68
C TYR A 309 7.00 -15.39 5.68
N GLN A 310 7.64 -16.26 6.44
CA GLN A 310 6.98 -17.12 7.42
C GLN A 310 6.65 -16.41 8.72
N ARG A 311 7.03 -15.14 8.85
N ARG A 311 7.00 -15.13 8.84
CA ARG A 311 6.75 -14.34 10.03
CA ARG A 311 6.74 -14.34 10.05
C ARG A 311 7.40 -14.95 11.28
C ARG A 311 7.40 -14.94 11.29
N LYS A 312 8.62 -15.45 11.12
CA LYS A 312 9.35 -16.08 12.20
C LYS A 312 10.41 -15.17 12.82
N VAL A 313 10.62 -13.99 12.26
CA VAL A 313 11.56 -13.01 12.79
C VAL A 313 10.84 -12.14 13.83
N GLU A 314 11.47 -11.96 14.99
CA GLU A 314 10.91 -11.07 16.00
C GLU A 314 10.97 -9.63 15.51
N ALA A 315 9.84 -8.93 15.59
CA ALA A 315 9.77 -7.60 15.00
C ALA A 315 10.51 -6.57 15.84
N PRO A 316 10.91 -5.45 15.22
CA PRO A 316 11.54 -4.35 15.96
C PRO A 316 10.68 -3.77 17.07
N PHE A 317 9.37 -3.68 16.86
CA PHE A 317 8.48 -3.29 17.94
C PHE A 317 7.07 -3.75 17.63
N ILE A 318 6.31 -3.89 18.69
CA ILE A 318 4.89 -4.22 18.65
C ILE A 318 4.13 -2.96 19.04
N PRO A 319 3.18 -2.51 18.24
CA PRO A 319 2.40 -1.35 18.63
C PRO A 319 1.68 -1.62 19.93
N LYS A 320 1.48 -0.54 20.68
CA LYS A 320 0.75 -0.61 21.95
C LYS A 320 -0.72 -0.41 21.66
N PHE A 321 -1.53 -1.38 22.05
CA PHE A 321 -2.97 -1.28 21.87
C PHE A 321 -3.61 -2.27 22.84
N LYS A 322 -4.87 -2.04 23.18
CA LYS A 322 -5.51 -2.78 24.26
C LYS A 322 -6.32 -3.97 23.78
N GLY A 323 -6.64 -4.04 22.50
CA GLY A 323 -7.49 -5.09 21.99
C GLY A 323 -7.94 -4.80 20.57
N PRO A 324 -8.71 -5.72 19.99
CA PRO A 324 -9.03 -5.60 18.56
C PRO A 324 -9.88 -4.41 18.20
N GLY A 325 -10.52 -3.78 19.17
CA GLY A 325 -11.34 -2.61 18.94
C GLY A 325 -10.68 -1.31 19.33
N ASP A 326 -9.41 -1.34 19.74
CA ASP A 326 -8.76 -0.12 20.17
C ASP A 326 -8.41 0.74 18.96
N THR A 327 -8.73 2.04 19.05
CA THR A 327 -8.45 3.01 18.00
C THR A 327 -7.38 4.03 18.38
N SER A 328 -6.67 3.82 19.49
N SER A 328 -6.68 3.82 19.50
CA SER A 328 -5.74 4.82 20.00
CA SER A 328 -5.73 4.80 20.00
C SER A 328 -4.54 5.08 19.09
C SER A 328 -4.63 5.15 18.99
N ASN A 329 -4.26 4.21 18.12
CA ASN A 329 -3.19 4.45 17.16
C ASN A 329 -3.65 5.16 15.90
N PHE A 330 -4.94 5.47 15.81
CA PHE A 330 -5.48 6.28 14.74
C PHE A 330 -5.95 7.61 15.33
N ASP A 331 -6.13 8.60 14.48
CA ASP A 331 -6.40 9.95 14.97
C ASP A 331 -7.89 10.29 14.83
N ASP A 332 -8.24 11.51 15.21
CA ASP A 332 -9.62 11.90 15.38
C ASP A 332 -10.09 12.76 14.22
N TYR A 333 -11.26 12.41 13.68
CA TYR A 333 -11.87 13.10 12.56
C TYR A 333 -13.30 13.43 12.92
N GLU A 334 -13.82 14.49 12.30
CA GLU A 334 -15.23 14.79 12.43
C GLU A 334 -16.06 13.58 12.02
N GLU A 335 -17.03 13.23 12.85
CA GLU A 335 -17.91 12.10 12.58
C GLU A 335 -19.08 12.58 11.75
N GLU A 336 -19.07 12.24 10.46
CA GLU A 336 -20.08 12.67 9.49
C GLU A 336 -21.03 11.52 9.16
N GLU A 337 -22.24 11.86 8.69
CA GLU A 337 -23.23 10.85 8.33
C GLU A 337 -22.76 9.97 7.16
N ILE A 338 -23.22 8.72 7.15
CA ILE A 338 -23.14 7.82 6.00
C ILE A 338 -24.54 7.67 5.44
N ARG A 339 -24.86 8.52 4.47
CA ARG A 339 -26.20 8.62 3.93
C ARG A 339 -26.34 7.71 2.72
N VAL A 340 -27.49 7.06 2.61
CA VAL A 340 -27.79 6.23 1.47
C VAL A 340 -29.03 6.80 0.78
N SEP A 341 -28.86 7.26 -0.46
CA SEP A 341 -29.95 7.91 -1.17
CB SEP A 341 -29.44 8.43 -2.52
OG SEP A 341 -30.52 8.91 -3.32
C SEP A 341 -31.10 6.95 -1.39
O SEP A 341 -30.91 5.73 -1.46
P SEP A 341 -31.00 10.42 -3.05
O1P SEP A 341 -31.68 10.94 -4.40
O2P SEP A 341 -32.04 10.34 -1.84
O3P SEP A 341 -29.74 11.36 -2.67
H SEP A 341 -28.13 7.20 -0.91
HA SEP A 341 -30.27 8.67 -0.65
HB2 SEP A 341 -29.00 7.71 -2.99
HB3 SEP A 341 -28.82 9.16 -2.36
N ILE A 342 -32.32 7.49 -1.46
CA ILE A 342 -33.48 6.68 -1.79
C ILE A 342 -33.46 6.30 -3.28
N ASN A 343 -32.62 6.93 -4.08
CA ASN A 343 -32.49 6.62 -5.50
C ASN A 343 -31.09 6.13 -5.84
N GLU A 344 -31.01 5.17 -6.77
CA GLU A 344 -29.72 4.61 -7.16
C GLU A 344 -28.92 5.62 -7.98
N LYS A 345 -27.65 5.78 -7.61
CA LYS A 345 -26.72 6.67 -8.32
C LYS A 345 -25.67 5.84 -9.07
N CYS A 346 -25.41 6.22 -10.32
CA CYS A 346 -24.28 5.69 -11.08
C CYS A 346 -24.31 4.17 -11.18
N GLY A 347 -25.52 3.59 -11.30
CA GLY A 347 -25.62 2.15 -11.35
C GLY A 347 -24.80 1.54 -12.48
N LYS A 348 -24.92 2.09 -13.69
CA LYS A 348 -24.22 1.50 -14.82
C LYS A 348 -22.72 1.51 -14.62
N GLU A 349 -22.18 2.64 -14.15
CA GLU A 349 -20.73 2.78 -14.03
C GLU A 349 -20.13 1.71 -13.12
N PHE A 350 -20.87 1.29 -12.09
CA PHE A 350 -20.34 0.37 -11.09
C PHE A 350 -20.99 -1.01 -11.14
N THR A 351 -21.54 -1.40 -12.29
CA THR A 351 -22.19 -2.69 -12.44
C THR A 351 -21.31 -3.85 -11.97
N GLU A 352 -20.02 -3.83 -12.31
CA GLU A 352 -19.18 -4.98 -11.98
C GLU A 352 -18.77 -5.03 -10.52
N PHE A 353 -18.98 -3.97 -9.75
CA PHE A 353 -18.49 -3.95 -8.38
C PHE A 353 -19.30 -4.91 -7.53
C1 IPH B . -7.30 -1.09 8.30
C2 IPH B . -7.15 0.15 8.93
C3 IPH B . -7.18 1.31 8.16
C4 IPH B . -7.35 1.22 6.76
C5 IPH B . -7.49 -0.03 6.15
C6 IPH B . -7.48 -1.19 6.91
O1 IPH B . -7.27 -2.20 9.08
S DMS C . -25.14 -10.76 1.48
O DMS C . -25.82 -9.65 0.75
C1 DMS C . -25.91 -10.97 3.10
C2 DMS C . -25.64 -12.33 0.72
S DMS D . -1.23 13.77 -8.68
O DMS D . -1.47 13.80 -7.20
C1 DMS D . -0.65 15.40 -9.23
C2 DMS D . 0.25 12.79 -9.01
S DMS E . 0.51 -19.73 -2.19
O DMS E . 0.05 -18.38 -2.62
C1 DMS E . 1.95 -20.25 -3.15
C2 DMS E . 1.15 -19.71 -0.48
C1 MRD F . 9.35 -16.38 0.45
C2 MRD F . 9.03 -16.62 -1.02
O2 MRD F . 10.26 -16.43 -1.73
CM MRD F . 8.56 -18.04 -1.24
C3 MRD F . 7.94 -15.62 -1.47
C4 MRD F . 8.42 -14.70 -2.60
O4 MRD F . 7.43 -13.71 -2.91
C5 MRD F . 8.75 -15.50 -3.83
#